data_3VQL
#
_entry.id   3VQL
#
_cell.length_a   45.071
_cell.length_b   56.935
_cell.length_c   78.853
_cell.angle_alpha   90.00
_cell.angle_beta   90.00
_cell.angle_gamma   90.00
#
_symmetry.space_group_name_H-M   'P 21 21 21'
#
loop_
_entity.id
_entity.type
_entity.pdbx_description
1 polymer 'Small heat shock protein StHsp14.0'
2 water water
#
_entity_poly.entity_id   1
_entity_poly.type   'polypeptide(L)'
_entity_poly.pdbx_seq_one_letter_code
;MYYLGKELQKRSEELSRGFYELVYPPVDMYEEGGYLVVVADLAGFNKEKIKARVSGQNELIIEAEREITEPGVKYLTQRP
KYVRKVIRLPYNVAKDAEISGKYENGVLTIRIPIA
;
_entity_poly.pdbx_strand_id   A,B
#
# COMPACT_ATOMS: atom_id res chain seq x y z
N LYS A 10 -8.81 5.55 17.14
CA LYS A 10 -7.43 5.94 16.85
C LYS A 10 -6.47 4.79 17.11
N ARG A 11 -6.99 3.70 17.66
CA ARG A 11 -6.19 2.53 18.00
C ARG A 11 -5.83 1.73 16.74
N SER A 12 -4.60 1.25 16.68
CA SER A 12 -4.10 0.57 15.49
C SER A 12 -4.87 -0.72 15.18
N GLU A 13 -5.25 -1.46 16.21
CA GLU A 13 -6.04 -2.66 16.03
C GLU A 13 -7.47 -2.31 15.61
N GLU A 14 -7.85 -1.05 15.81
CA GLU A 14 -9.16 -0.56 15.41
C GLU A 14 -9.20 -0.10 13.96
N LEU A 15 -8.02 0.08 13.34
CA LEU A 15 -8.00 0.38 11.91
C LEU A 15 -8.08 -0.88 11.13
N SER A 16 -9.21 -1.01 10.46
CA SER A 16 -9.71 -2.22 9.89
C SER A 16 -9.41 -2.35 8.40
N ARG A 17 -9.68 -3.51 7.84
CA ARG A 17 -9.56 -3.67 6.38
C ARG A 17 -10.43 -2.63 5.70
N GLY A 18 -11.63 -2.38 6.25
CA GLY A 18 -12.58 -1.47 5.64
C GLY A 18 -12.01 -0.05 5.55
N PHE A 19 -11.30 0.35 6.59
CA PHE A 19 -10.71 1.68 6.58
C PHE A 19 -9.74 1.76 5.43
N TYR A 20 -8.90 0.75 5.32
CA TYR A 20 -7.86 0.79 4.29
C TYR A 20 -8.39 0.71 2.88
N GLU A 21 -9.50 -0.01 2.69
CA GLU A 21 -10.14 -0.04 1.38
C GLU A 21 -10.49 1.34 0.89
N LEU A 22 -10.86 2.22 1.81
CA LEU A 22 -11.32 3.53 1.36
C LEU A 22 -10.18 4.44 0.92
N VAL A 23 -8.96 4.12 1.33
CA VAL A 23 -7.81 4.95 0.97
C VAL A 23 -6.78 4.25 0.08
N TYR A 24 -6.94 2.94 -0.12
CA TYR A 24 -5.96 2.15 -0.81
C TYR A 24 -6.35 1.83 -2.25
N PRO A 25 -5.37 1.82 -3.15
CA PRO A 25 -3.93 2.07 -2.98
C PRO A 25 -3.63 3.56 -3.01
N PRO A 26 -2.50 3.96 -2.39
CA PRO A 26 -2.12 5.35 -2.62
C PRO A 26 -1.65 5.50 -4.05
N VAL A 27 -1.96 6.65 -4.64
CA VAL A 27 -1.71 6.89 -6.05
C VAL A 27 -1.04 8.26 -6.28
N ASP A 28 -0.05 8.29 -7.17
CA ASP A 28 0.47 9.53 -7.70
C ASP A 28 -0.03 9.64 -9.13
N MET A 29 -0.31 10.85 -9.57
CA MET A 29 -0.68 11.10 -10.96
C MET A 29 -0.05 12.38 -11.44
N TYR A 30 0.63 12.29 -12.58
CA TYR A 30 1.30 13.43 -13.19
C TYR A 30 1.20 13.33 -14.72
N GLU A 31 1.41 14.44 -15.42
CA GLU A 31 1.44 14.45 -16.88
C GLU A 31 2.87 14.34 -17.35
N GLU A 32 3.10 13.51 -18.35
CA GLU A 32 4.42 13.39 -18.93
C GLU A 32 4.36 12.99 -20.40
N GLY A 33 4.99 13.80 -21.24
CA GLY A 33 5.09 13.53 -22.67
C GLY A 33 3.79 13.20 -23.38
N GLY A 34 2.72 13.88 -22.99
CA GLY A 34 1.43 13.69 -23.63
C GLY A 34 0.66 12.50 -23.07
N TYR A 35 1.04 12.09 -21.87
CA TYR A 35 0.34 11.01 -21.16
C TYR A 35 0.05 11.44 -19.75
N LEU A 36 -1.11 11.06 -19.23
CA LEU A 36 -1.37 11.14 -17.80
C LEU A 36 -0.81 9.85 -17.25
N VAL A 37 0.09 9.94 -16.27
CA VAL A 37 0.70 8.75 -15.68
C VAL A 37 0.21 8.53 -14.25
N VAL A 38 -0.24 7.30 -13.97
CA VAL A 38 -0.82 6.98 -12.67
C VAL A 38 -0.05 5.83 -12.08
N VAL A 39 0.49 6.02 -10.89
CA VAL A 39 1.31 5.02 -10.26
C VAL A 39 0.66 4.66 -8.94
N ALA A 40 0.38 3.38 -8.72
CA ALA A 40 -0.29 2.94 -7.50
C ALA A 40 0.50 1.86 -6.75
N ASP A 41 0.60 2.00 -5.43
CA ASP A 41 1.23 0.98 -4.62
C ASP A 41 0.15 -0.05 -4.32
N LEU A 42 0.24 -1.19 -4.97
CA LEU A 42 -0.84 -2.19 -4.93
C LEU A 42 -0.19 -3.54 -4.73
N ALA A 43 0.51 -3.71 -3.60
CA ALA A 43 1.27 -4.93 -3.35
C ALA A 43 0.36 -6.13 -3.17
N GLY A 44 0.81 -7.29 -3.65
CA GLY A 44 0.23 -8.55 -3.21
C GLY A 44 -1.01 -8.98 -3.96
N PHE A 45 -1.13 -8.57 -5.22
CA PHE A 45 -2.24 -9.03 -6.06
C PHE A 45 -1.77 -9.84 -7.26
N ASN A 46 -2.67 -10.67 -7.77
CA ASN A 46 -2.46 -11.40 -9.03
C ASN A 46 -2.68 -10.41 -10.17
N LYS A 47 -1.69 -10.25 -11.04
CA LYS A 47 -1.80 -9.29 -12.12
C LYS A 47 -3.10 -9.43 -12.90
N GLU A 48 -3.61 -10.64 -13.01
CA GLU A 48 -4.81 -10.89 -13.81
C GLU A 48 -6.10 -10.53 -13.09
N LYS A 49 -5.99 -10.14 -11.84
CA LYS A 49 -7.13 -9.73 -11.07
C LYS A 49 -7.14 -8.24 -10.82
N ILE A 50 -6.31 -7.51 -11.54
CA ILE A 50 -6.28 -6.04 -11.49
C ILE A 50 -6.90 -5.46 -12.75
N LYS A 51 -7.94 -4.66 -12.57
CA LYS A 51 -8.64 -4.07 -13.72
C LYS A 51 -8.59 -2.54 -13.62
N ALA A 52 -8.26 -1.92 -14.74
CA ALA A 52 -8.23 -0.46 -14.79
C ALA A 52 -8.98 -0.07 -16.03
N ARG A 53 -9.84 0.93 -15.93
CA ARG A 53 -10.60 1.38 -17.09
C ARG A 53 -10.94 2.84 -16.97
N VAL A 54 -11.00 3.53 -18.09
CA VAL A 54 -11.46 4.90 -18.10
C VAL A 54 -12.96 4.87 -18.42
N SER A 55 -13.76 5.45 -17.54
CA SER A 55 -15.19 5.58 -17.82
C SER A 55 -15.45 7.04 -18.14
N GLY A 56 -16.33 7.30 -19.09
CA GLY A 56 -16.50 8.66 -19.56
C GLY A 56 -15.18 9.10 -20.17
N GLN A 57 -14.89 10.37 -20.03
CA GLN A 57 -13.68 10.88 -20.60
C GLN A 57 -12.64 11.21 -19.54
N ASN A 58 -13.07 11.33 -18.30
CA ASN A 58 -12.22 11.89 -17.25
C ASN A 58 -12.19 11.08 -15.96
N GLU A 59 -12.37 9.77 -16.04
CA GLU A 59 -12.43 8.97 -14.81
C GLU A 59 -11.70 7.64 -14.95
N LEU A 60 -10.66 7.44 -14.15
CA LEU A 60 -9.98 6.16 -14.11
C LEU A 60 -10.45 5.35 -12.91
N ILE A 61 -10.86 4.10 -13.15
CA ILE A 61 -11.29 3.23 -12.08
C ILE A 61 -10.32 2.06 -11.97
N ILE A 62 -9.69 1.92 -10.81
CA ILE A 62 -8.80 0.80 -10.57
C ILE A 62 -9.46 -0.18 -9.60
N GLU A 63 -9.73 -1.40 -10.06
CA GLU A 63 -10.34 -2.42 -9.22
C GLU A 63 -9.41 -3.61 -9.08
N ALA A 64 -9.44 -4.23 -7.91
CA ALA A 64 -8.68 -5.44 -7.68
C ALA A 64 -9.27 -6.28 -6.55
N GLU A 65 -9.02 -7.58 -6.62
CA GLU A 65 -9.46 -8.46 -5.56
C GLU A 65 -8.42 -9.55 -5.31
N ARG A 66 -8.40 -10.04 -4.08
CA ARG A 66 -7.56 -11.17 -3.75
C ARG A 66 -8.20 -11.95 -2.62
N GLU A 67 -7.78 -13.21 -2.48
CA GLU A 67 -8.10 -13.98 -1.29
C GLU A 67 -6.95 -13.83 -0.32
N ILE A 68 -7.30 -13.65 0.96
CA ILE A 68 -6.31 -13.63 2.02
C ILE A 68 -6.69 -14.71 3.04
N THR A 69 -5.93 -15.74 3.14
CA THR A 69 -6.26 -16.65 4.18
C THR A 69 -5.10 -16.83 5.11
N GLU A 70 -5.35 -16.44 6.33
CA GLU A 70 -4.38 -16.39 7.40
C GLU A 70 -4.83 -17.22 8.60
N PRO A 71 -4.05 -18.26 8.93
CA PRO A 71 -4.33 -19.27 9.95
C PRO A 71 -4.02 -18.72 11.31
N GLY A 72 -4.13 -19.53 12.35
CA GLY A 72 -3.72 -19.10 13.67
C GLY A 72 -4.66 -18.05 14.20
N VAL A 73 -4.20 -17.29 15.20
CA VAL A 73 -5.03 -16.28 15.82
C VAL A 73 -4.66 -14.90 15.28
N LYS A 74 -5.66 -14.18 14.77
CA LYS A 74 -5.45 -12.90 14.09
C LYS A 74 -5.46 -11.74 15.08
N TYR A 75 -4.34 -11.02 15.11
CA TYR A 75 -4.17 -9.86 15.99
C TYR A 75 -4.38 -8.51 15.27
N LEU A 76 -3.97 -8.44 14.01
CA LEU A 76 -4.24 -7.28 13.15
C LEU A 76 -4.73 -7.78 11.82
N THR A 77 -5.70 -7.09 11.25
CA THR A 77 -6.22 -7.43 9.94
C THR A 77 -6.48 -6.15 9.17
N GLN A 78 -5.44 -5.61 8.54
CA GLN A 78 -5.59 -4.33 7.83
C GLN A 78 -5.53 -4.44 6.31
N ARG A 79 -4.94 -5.52 5.80
CA ARG A 79 -4.71 -5.57 4.35
C ARG A 79 -6.05 -5.82 3.69
N PRO A 80 -6.44 -4.94 2.76
CA PRO A 80 -7.70 -4.99 2.02
C PRO A 80 -7.76 -6.22 1.10
N LYS A 81 -8.90 -6.90 1.08
CA LYS A 81 -9.11 -8.02 0.16
C LYS A 81 -9.58 -7.47 -1.16
N TYR A 82 -10.18 -6.29 -1.11
CA TYR A 82 -10.76 -5.69 -2.28
C TYR A 82 -10.32 -4.25 -2.37
N VAL A 83 -10.23 -3.77 -3.60
CA VAL A 83 -9.80 -2.42 -3.86
C VAL A 83 -10.69 -1.87 -4.98
N ARG A 84 -11.17 -0.64 -4.83
CA ARG A 84 -11.81 0.08 -5.94
C ARG A 84 -11.57 1.57 -5.79
N LYS A 85 -10.66 2.09 -6.60
CA LYS A 85 -10.19 3.47 -6.46
C LYS A 85 -10.60 4.24 -7.70
N VAL A 86 -11.31 5.34 -7.49
CA VAL A 86 -11.72 6.19 -8.58
C VAL A 86 -10.85 7.43 -8.58
N ILE A 87 -10.30 7.76 -9.74
CA ILE A 87 -9.37 8.87 -9.88
C ILE A 87 -9.94 9.81 -10.94
N ARG A 88 -10.24 11.05 -10.55
CA ARG A 88 -10.69 12.01 -11.54
C ARG A 88 -9.48 12.55 -12.30
N LEU A 89 -9.50 12.40 -13.61
CA LEU A 89 -8.43 12.94 -14.44
C LEU A 89 -8.58 14.44 -14.58
N PRO A 90 -7.45 15.16 -14.61
CA PRO A 90 -7.41 16.63 -14.58
C PRO A 90 -8.18 17.27 -15.74
N TYR A 91 -8.44 16.49 -16.76
CA TYR A 91 -9.14 16.96 -17.93
C TYR A 91 -9.51 15.78 -18.80
N ASN A 92 -10.43 15.98 -19.73
CA ASN A 92 -10.88 14.91 -20.61
C ASN A 92 -9.71 14.24 -21.32
N VAL A 93 -9.81 12.93 -21.44
CA VAL A 93 -8.85 12.14 -22.18
C VAL A 93 -9.64 11.54 -23.34
N ALA A 94 -9.00 11.43 -24.50
CA ALA A 94 -9.66 10.88 -25.67
C ALA A 94 -10.77 9.93 -25.22
N LYS A 95 -12.01 10.27 -25.55
CA LYS A 95 -13.18 9.51 -25.13
C LYS A 95 -12.87 8.01 -25.07
N ASP A 96 -12.16 7.53 -26.09
CA ASP A 96 -11.74 6.13 -26.14
C ASP A 96 -10.23 5.99 -26.31
N ALA A 97 -9.47 6.67 -25.45
CA ALA A 97 -8.02 6.51 -25.44
C ALA A 97 -7.68 5.26 -24.66
N GLU A 98 -7.11 4.26 -25.31
CA GLU A 98 -6.77 3.04 -24.59
C GLU A 98 -5.58 3.23 -23.69
N ILE A 99 -5.55 2.45 -22.63
CA ILE A 99 -4.53 2.56 -21.61
C ILE A 99 -3.54 1.40 -21.64
N SER A 100 -2.32 1.65 -21.16
CA SER A 100 -1.35 0.58 -20.95
C SER A 100 -0.97 0.51 -19.47
N GLY A 101 -0.76 -0.71 -18.96
CA GLY A 101 -0.42 -0.91 -17.56
C GLY A 101 0.68 -1.92 -17.32
N LYS A 102 1.57 -1.61 -16.38
CA LYS A 102 2.59 -2.55 -15.97
C LYS A 102 2.59 -2.71 -14.44
N TYR A 103 2.89 -3.93 -13.99
CA TYR A 103 2.79 -4.29 -12.57
C TYR A 103 4.09 -4.97 -12.14
N GLU A 104 4.85 -4.28 -11.32
CA GLU A 104 6.17 -4.75 -10.92
C GLU A 104 6.52 -4.29 -9.51
N ASN A 105 7.04 -5.22 -8.70
CA ASN A 105 7.39 -4.95 -7.31
C ASN A 105 6.19 -4.43 -6.52
N GLY A 106 4.99 -4.81 -6.97
CA GLY A 106 3.76 -4.44 -6.28
C GLY A 106 3.22 -3.09 -6.75
N VAL A 107 3.95 -2.45 -7.66
CA VAL A 107 3.58 -1.13 -8.16
C VAL A 107 2.89 -1.25 -9.52
N LEU A 108 1.70 -0.68 -9.62
CA LEU A 108 0.96 -0.66 -10.88
C LEU A 108 1.14 0.72 -11.51
N THR A 109 1.65 0.75 -12.76
CA THR A 109 1.82 2.01 -13.51
C THR A 109 0.92 2.00 -14.74
N ILE A 110 0.02 2.98 -14.82
CA ILE A 110 -0.90 3.09 -15.95
C ILE A 110 -0.52 4.34 -16.74
N ARG A 111 -0.38 4.24 -18.05
CA ARG A 111 -0.18 5.41 -18.93
C ARG A 111 -1.35 5.60 -19.86
N ILE A 112 -1.94 6.77 -19.80
CA ILE A 112 -3.11 7.10 -20.59
C ILE A 112 -2.81 8.24 -21.56
N PRO A 113 -2.89 7.95 -22.88
CA PRO A 113 -2.59 9.04 -23.81
C PRO A 113 -3.63 10.15 -23.68
N ILE A 114 -3.19 11.39 -23.66
CA ILE A 114 -4.12 12.51 -23.64
C ILE A 114 -4.54 12.81 -25.09
N ALA A 115 -3.61 12.56 -26.01
CA ALA A 115 -3.79 12.89 -27.42
C ALA A 115 -5.15 12.48 -27.95
N TYR B 3 -6.13 8.66 14.21
CA TYR B 3 -6.93 8.08 13.10
C TYR B 3 -8.28 8.73 12.70
N LEU B 4 -8.31 10.01 12.33
CA LEU B 4 -9.64 10.52 11.97
C LEU B 4 -10.24 10.19 10.60
N GLY B 5 -11.52 9.76 10.57
CA GLY B 5 -12.14 9.57 9.28
C GLY B 5 -12.48 10.94 8.74
N LYS B 6 -12.28 11.95 9.58
CA LYS B 6 -12.54 13.32 9.18
C LYS B 6 -11.75 13.66 7.91
N GLU B 7 -10.55 13.11 7.80
CA GLU B 7 -9.72 13.35 6.63
C GLU B 7 -10.29 12.61 5.43
N LEU B 8 -11.02 11.54 5.71
CA LEU B 8 -11.63 10.72 4.67
C LEU B 8 -12.65 11.46 3.82
N GLN B 9 -13.02 12.67 4.24
CA GLN B 9 -14.00 13.44 3.50
C GLN B 9 -13.38 14.54 2.63
N LYS B 10 -12.05 14.63 2.65
CA LYS B 10 -11.38 15.65 1.85
C LYS B 10 -11.25 15.19 0.39
N ARG B 11 -10.98 16.14 -0.51
CA ARG B 11 -10.66 15.80 -1.89
C ARG B 11 -9.43 14.92 -1.89
N SER B 12 -9.39 13.94 -2.80
CA SER B 12 -8.24 13.04 -2.90
C SER B 12 -6.92 13.81 -2.96
N GLU B 13 -6.93 14.94 -3.65
CA GLU B 13 -5.75 15.78 -3.79
C GLU B 13 -5.20 16.22 -2.45
N GLU B 14 -6.09 16.38 -1.46
CA GLU B 14 -5.70 16.86 -0.14
C GLU B 14 -5.28 15.72 0.78
N LEU B 15 -5.47 14.49 0.30
CA LEU B 15 -4.91 13.31 0.94
C LEU B 15 -3.48 13.12 0.46
N SER B 16 -2.58 13.69 1.24
CA SER B 16 -1.19 13.91 0.93
C SER B 16 -0.33 12.69 1.23
N ARG B 17 0.93 12.73 0.82
CA ARG B 17 1.88 11.70 1.24
C ARG B 17 1.92 11.59 2.76
N GLY B 18 1.89 12.73 3.47
CA GLY B 18 1.97 12.71 4.93
C GLY B 18 0.83 11.94 5.58
N PHE B 19 -0.36 12.06 4.98
CA PHE B 19 -1.49 11.31 5.48
C PHE B 19 -1.23 9.81 5.36
N TYR B 20 -0.76 9.39 4.19
CA TYR B 20 -0.54 7.97 3.98
C TYR B 20 0.60 7.45 4.82
N GLU B 21 1.58 8.32 5.11
CA GLU B 21 2.66 7.94 6.03
C GLU B 21 2.16 7.52 7.39
N LEU B 22 1.04 8.05 7.83
CA LEU B 22 0.56 7.72 9.15
C LEU B 22 -0.17 6.40 9.23
N VAL B 23 -0.55 5.86 8.10
CA VAL B 23 -1.28 4.60 8.13
C VAL B 23 -0.64 3.49 7.30
N TYR B 24 0.45 3.82 6.62
CA TYR B 24 1.08 2.90 5.67
C TYR B 24 2.28 2.22 6.34
N PRO B 25 2.50 0.94 6.04
CA PRO B 25 1.69 0.06 5.20
C PRO B 25 0.58 -0.62 5.99
N PRO B 26 -0.47 -1.10 5.33
CA PRO B 26 -1.36 -1.94 6.13
C PRO B 26 -0.68 -3.27 6.44
N VAL B 27 -0.94 -3.78 7.64
CA VAL B 27 -0.31 -5.01 8.11
C VAL B 27 -1.37 -5.99 8.57
N ASP B 28 -1.17 -7.27 8.27
CA ASP B 28 -1.86 -8.32 9.01
C ASP B 28 -0.84 -8.94 9.97
N MET B 29 -1.29 -9.33 11.16
CA MET B 29 -0.41 -10.07 12.07
C MET B 29 -1.17 -11.21 12.68
N TYR B 30 -0.59 -12.40 12.62
CA TYR B 30 -1.18 -13.55 13.27
C TYR B 30 -0.09 -14.43 13.85
N GLU B 31 -0.49 -15.32 14.75
CA GLU B 31 0.41 -16.25 15.39
C GLU B 31 0.21 -17.66 14.85
N GLU B 32 1.30 -18.26 14.37
CA GLU B 32 1.27 -19.64 13.92
C GLU B 32 2.51 -20.39 14.38
N GLY B 33 2.29 -21.46 15.14
CA GLY B 33 3.34 -22.37 15.57
C GLY B 33 4.54 -21.79 16.28
N GLY B 34 4.30 -20.93 17.27
CA GLY B 34 5.41 -20.31 17.98
C GLY B 34 6.13 -19.23 17.20
N TYR B 35 5.57 -18.83 16.06
CA TYR B 35 6.09 -17.66 15.35
C TYR B 35 5.00 -16.62 15.24
N LEU B 36 5.36 -15.35 15.38
CA LEU B 36 4.47 -14.27 15.03
C LEU B 36 4.73 -13.95 13.56
N VAL B 37 3.68 -13.83 12.77
CA VAL B 37 3.85 -13.54 11.37
C VAL B 37 3.23 -12.19 11.02
N VAL B 38 4.03 -11.33 10.42
CA VAL B 38 3.60 -9.98 10.06
C VAL B 38 3.73 -9.83 8.57
N VAL B 39 2.65 -9.44 7.93
CA VAL B 39 2.58 -9.34 6.49
C VAL B 39 2.19 -7.89 6.17
N ALA B 40 3.05 -7.19 5.43
CA ALA B 40 2.82 -5.79 5.11
C ALA B 40 2.76 -5.55 3.60
N ASP B 41 1.78 -4.80 3.16
CA ASP B 41 1.73 -4.37 1.77
C ASP B 41 2.68 -3.17 1.61
N LEU B 42 3.85 -3.38 1.04
CA LEU B 42 4.86 -2.34 1.00
C LEU B 42 5.43 -2.21 -0.41
N ALA B 43 4.58 -1.85 -1.35
CA ALA B 43 4.97 -1.90 -2.75
C ALA B 43 6.06 -0.89 -3.06
N GLY B 44 6.97 -1.26 -3.95
CA GLY B 44 7.82 -0.28 -4.60
C GLY B 44 8.98 0.25 -3.80
N PHE B 45 9.61 -0.61 -2.98
CA PHE B 45 10.82 -0.26 -2.24
C PHE B 45 11.98 -1.16 -2.62
N ASN B 46 13.18 -0.70 -2.33
CA ASN B 46 14.39 -1.51 -2.45
C ASN B 46 14.51 -2.36 -1.19
N LYS B 47 14.61 -3.69 -1.36
CA LYS B 47 14.60 -4.62 -0.22
C LYS B 47 15.62 -4.23 0.84
N GLU B 48 16.75 -3.71 0.39
CA GLU B 48 17.85 -3.37 1.28
C GLU B 48 17.63 -2.05 1.99
N LYS B 49 16.62 -1.30 1.56
CA LYS B 49 16.20 -0.08 2.24
C LYS B 49 15.00 -0.37 3.14
N ILE B 50 14.65 -1.64 3.28
CA ILE B 50 13.60 -2.01 4.24
C ILE B 50 14.24 -2.53 5.52
N LYS B 51 13.93 -1.87 6.64
CA LYS B 51 14.49 -2.27 7.93
C LYS B 51 13.37 -2.61 8.92
N ALA B 52 13.44 -3.81 9.49
CA ALA B 52 12.50 -4.19 10.54
C ALA B 52 13.29 -4.64 11.75
N ARG B 53 12.93 -4.13 12.91
CA ARG B 53 13.61 -4.50 14.15
C ARG B 53 12.62 -4.54 15.30
N VAL B 54 12.94 -5.34 16.30
CA VAL B 54 12.15 -5.37 17.51
C VAL B 54 12.83 -4.46 18.54
N SER B 55 12.01 -3.68 19.25
CA SER B 55 12.52 -2.84 20.33
C SER B 55 11.86 -3.30 21.62
N GLY B 56 12.60 -3.24 22.73
CA GLY B 56 12.11 -3.84 23.95
C GLY B 56 11.88 -5.30 23.64
N GLN B 57 10.82 -5.87 24.18
CA GLN B 57 10.54 -7.27 23.87
C GLN B 57 9.24 -7.47 23.09
N ASN B 58 8.51 -6.39 22.82
CA ASN B 58 7.16 -6.52 22.28
C ASN B 58 6.75 -5.41 21.31
N GLU B 59 7.71 -4.82 20.61
CA GLU B 59 7.40 -3.78 19.63
C GLU B 59 8.20 -4.04 18.37
N LEU B 60 7.51 -4.16 17.24
CA LEU B 60 8.16 -4.32 15.94
C LEU B 60 8.08 -2.98 15.22
N ILE B 61 9.20 -2.48 14.74
CA ILE B 61 9.16 -1.24 13.95
C ILE B 61 9.59 -1.58 12.54
N ILE B 62 8.76 -1.21 11.57
CA ILE B 62 9.10 -1.42 10.19
C ILE B 62 9.38 -0.06 9.57
N GLU B 63 10.60 0.11 9.03
CA GLU B 63 11.01 1.39 8.47
C GLU B 63 11.47 1.23 7.03
N ALA B 64 11.22 2.22 6.20
CA ALA B 64 11.67 2.17 4.83
C ALA B 64 11.68 3.56 4.23
N GLU B 65 12.48 3.73 3.19
CA GLU B 65 12.60 4.99 2.49
C GLU B 65 12.82 4.72 1.01
N ARG B 66 12.38 5.66 0.18
CA ARG B 66 12.67 5.55 -1.24
C ARG B 66 12.66 6.94 -1.81
N GLU B 67 13.26 7.09 -2.98
CA GLU B 67 13.12 8.32 -3.74
C GLU B 67 12.02 8.15 -4.77
N ILE B 68 11.21 9.19 -4.92
CA ILE B 68 10.16 9.19 -5.95
C ILE B 68 10.44 10.34 -6.91
N THR B 69 10.81 9.99 -8.14
CA THR B 69 11.13 10.98 -9.16
C THR B 69 9.99 11.06 -10.17
N GLU B 70 9.32 12.21 -10.19
CA GLU B 70 8.11 12.34 -10.99
C GLU B 70 8.11 13.66 -11.74
N PRO B 71 8.71 13.66 -12.91
CA PRO B 71 8.78 14.86 -13.76
C PRO B 71 7.42 15.18 -14.36
N GLY B 72 7.04 16.45 -14.32
CA GLY B 72 5.75 16.88 -14.84
C GLY B 72 4.87 17.42 -13.74
N VAL B 73 3.81 18.13 -14.10
CA VAL B 73 2.91 18.68 -13.09
C VAL B 73 2.15 17.56 -12.40
N LYS B 74 2.11 17.60 -11.08
CA LYS B 74 1.48 16.55 -10.28
C LYS B 74 0.05 16.91 -9.89
N TYR B 75 -0.85 15.95 -10.10
CA TYR B 75 -2.25 16.10 -9.75
C TYR B 75 -2.58 15.36 -8.46
N LEU B 76 -1.88 14.25 -8.23
CA LEU B 76 -2.06 13.46 -7.01
C LEU B 76 -0.69 13.06 -6.50
N THR B 77 -0.47 13.19 -5.20
CA THR B 77 0.81 12.81 -4.63
C THR B 77 0.55 12.13 -3.29
N GLN B 78 0.22 10.83 -3.33
CA GLN B 78 -0.17 10.09 -2.14
C GLN B 78 0.88 9.06 -1.71
N ARG B 79 1.73 8.61 -2.62
CA ARG B 79 2.66 7.52 -2.28
C ARG B 79 3.73 8.00 -1.31
N PRO B 80 3.83 7.35 -0.14
CA PRO B 80 4.78 7.86 0.84
C PRO B 80 6.22 7.63 0.41
N LYS B 81 7.06 8.62 0.63
CA LYS B 81 8.50 8.46 0.43
C LYS B 81 9.16 7.79 1.62
N TYR B 82 8.53 7.90 2.80
CA TYR B 82 9.07 7.40 4.06
C TYR B 82 7.99 6.62 4.77
N VAL B 83 8.41 5.56 5.45
CA VAL B 83 7.49 4.69 6.18
C VAL B 83 8.09 4.37 7.54
N ARG B 84 7.27 4.41 8.59
CA ARG B 84 7.70 3.98 9.92
C ARG B 84 6.48 3.51 10.66
N LYS B 85 6.30 2.19 10.67
CA LYS B 85 5.13 1.61 11.30
C LYS B 85 5.55 0.90 12.56
N VAL B 86 4.88 1.20 13.66
CA VAL B 86 5.18 0.58 14.95
C VAL B 86 4.07 -0.37 15.33
N ILE B 87 4.43 -1.61 15.60
CA ILE B 87 3.45 -2.65 15.83
C ILE B 87 3.71 -3.29 17.18
N ARG B 88 2.70 -3.29 18.04
CA ARG B 88 2.83 -3.90 19.35
C ARG B 88 2.55 -5.40 19.26
N LEU B 89 3.53 -6.20 19.66
CA LEU B 89 3.41 -7.64 19.61
C LEU B 89 2.65 -8.13 20.84
N PRO B 90 1.72 -9.08 20.65
CA PRO B 90 0.89 -9.61 21.74
C PRO B 90 1.64 -10.61 22.62
N TYR B 91 2.77 -11.11 22.11
CA TYR B 91 3.63 -11.99 22.88
C TYR B 91 5.00 -11.35 22.97
N ASN B 92 5.75 -11.63 24.03
CA ASN B 92 7.13 -11.19 24.05
C ASN B 92 7.97 -12.01 23.10
N VAL B 93 9.03 -11.39 22.60
CA VAL B 93 9.88 -12.01 21.60
C VAL B 93 11.25 -12.19 22.20
N ALA B 94 11.96 -13.24 21.77
CA ALA B 94 13.28 -13.49 22.30
C ALA B 94 14.06 -12.18 22.31
N LYS B 95 14.29 -11.68 23.49
CA LYS B 95 15.09 -10.50 23.69
C LYS B 95 16.30 -10.44 22.78
N ASP B 96 16.93 -11.58 22.60
CA ASP B 96 18.12 -11.70 21.76
C ASP B 96 17.88 -12.73 20.65
N ALA B 97 17.14 -12.33 19.62
CA ALA B 97 16.84 -13.26 18.54
C ALA B 97 16.69 -12.57 17.18
N GLU B 98 16.72 -13.39 16.16
CA GLU B 98 16.76 -12.89 14.81
C GLU B 98 15.42 -12.91 14.18
N ILE B 99 15.18 -11.93 13.32
CA ILE B 99 13.94 -11.91 12.61
C ILE B 99 14.14 -12.00 11.10
N SER B 100 13.55 -13.01 10.48
CA SER B 100 13.71 -13.19 9.04
C SER B 100 12.56 -12.56 8.26
N GLY B 101 12.86 -12.11 7.05
CA GLY B 101 11.85 -11.49 6.20
C GLY B 101 12.02 -11.87 4.75
N LYS B 102 10.92 -11.84 4.01
CA LYS B 102 10.97 -11.99 2.56
C LYS B 102 10.11 -10.93 1.90
N TYR B 103 10.52 -10.51 0.73
CA TYR B 103 9.87 -9.40 0.06
C TYR B 103 9.61 -9.84 -1.37
N GLU B 104 8.33 -9.97 -1.70
CA GLU B 104 7.93 -10.51 -2.99
C GLU B 104 6.60 -9.91 -3.42
N ASN B 105 6.51 -9.46 -4.67
CA ASN B 105 5.30 -8.85 -5.20
C ASN B 105 4.86 -7.66 -4.35
N GLY B 106 5.83 -6.99 -3.74
CA GLY B 106 5.59 -5.78 -2.96
C GLY B 106 5.18 -6.09 -1.53
N VAL B 107 5.09 -7.39 -1.21
CA VAL B 107 4.64 -7.81 0.12
C VAL B 107 5.80 -8.21 1.00
N LEU B 108 5.88 -7.61 2.18
CA LEU B 108 6.94 -7.96 3.11
C LEU B 108 6.37 -8.91 4.13
N THR B 109 6.96 -10.10 4.26
CA THR B 109 6.51 -11.05 5.28
C THR B 109 7.63 -11.31 6.26
N ILE B 110 7.33 -11.08 7.54
CA ILE B 110 8.32 -11.14 8.60
C ILE B 110 7.85 -12.22 9.59
N ARG B 111 8.73 -13.15 9.93
CA ARG B 111 8.40 -14.19 10.89
C ARG B 111 9.31 -14.05 12.10
N ILE B 112 8.69 -13.93 13.27
CA ILE B 112 9.42 -13.68 14.51
C ILE B 112 9.15 -14.78 15.54
N PRO B 113 10.22 -15.42 16.05
CA PRO B 113 9.99 -16.48 17.05
C PRO B 113 9.40 -15.93 18.35
N ILE B 114 8.34 -16.57 18.82
CA ILE B 114 7.70 -16.25 20.10
C ILE B 114 8.53 -16.75 21.29
N ALA B 115 8.61 -15.95 22.34
CA ALA B 115 9.37 -16.36 23.51
C ALA B 115 8.54 -17.42 24.26
#